data_8TKB
#
_entry.id   8TKB
#
_cell.length_a   38.937
_cell.length_b   43.665
_cell.length_c   122.861
_cell.angle_alpha   90.000
_cell.angle_beta   90.000
_cell.angle_gamma   90.000
#
_symmetry.space_group_name_H-M   'P 21 21 21'
#
loop_
_entity.id
_entity.type
_entity.pdbx_description
1 polymer "Probable RNA 2'-phosphotransferase"
2 non-polymer 'ADENOSINE MONOPHOSPHATE'
3 non-polymer 'POTASSIUM ION'
4 non-polymer 'CHLORIDE ION'
5 non-polymer 'SODIUM ION'
6 water water
#
_entity_poly.entity_id   1
_entity_poly.type   'polypeptide(L)'
_entity_poly.pdbx_seq_one_letter_code
;SRFKVSKLMAYILRHSPWEFGLEPDEEGFVSIEELVNAVRKVYPWVTEEYIREIVERDEKGRYEIRGNKIRARYGHSYPV
ILRHEEDKESKVLYHGTVRRNLKGIMREGIKPMKRQYVHLSINYEDAYNTGMRHGEDVVVLIIDAECLRNKGYKILKAGK
KVRIVKHVPVDCISGIL
;
_entity_poly.pdbx_strand_id   A
#
loop_
_chem_comp.id
_chem_comp.type
_chem_comp.name
_chem_comp.formula
AMP non-polymer 'ADENOSINE MONOPHOSPHATE' 'C10 H14 N5 O7 P'
CL non-polymer 'CHLORIDE ION' 'Cl -1'
K non-polymer 'POTASSIUM ION' 'K 1'
NA non-polymer 'SODIUM ION' 'Na 1'
#
# COMPACT_ATOMS: atom_id res chain seq x y z
N SER A 1 21.99 5.16 4.97
CA SER A 1 21.53 3.76 4.96
C SER A 1 20.34 3.58 4.02
N ARG A 2 20.14 2.33 3.58
CA ARG A 2 18.95 2.04 2.80
C ARG A 2 17.69 2.45 3.54
N PHE A 3 17.69 2.26 4.87
CA PHE A 3 16.47 2.59 5.62
C PHE A 3 16.19 4.09 5.56
N LYS A 4 17.23 4.92 5.73
CA LYS A 4 17.01 6.37 5.68
C LYS A 4 16.64 6.83 4.28
N VAL A 5 17.33 6.34 3.24
CA VAL A 5 16.99 6.80 1.90
C VAL A 5 15.61 6.29 1.47
N SER A 6 15.28 5.05 1.83
CA SER A 6 13.97 4.52 1.46
C SER A 6 12.87 5.31 2.16
N LYS A 7 13.11 5.72 3.41
CA LYS A 7 12.12 6.54 4.12
C LYS A 7 11.88 7.86 3.37
N LEU A 8 12.95 8.46 2.85
CA LEU A 8 12.79 9.68 2.05
C LEU A 8 12.13 9.37 0.72
N MET A 9 12.52 8.28 0.06
CA MET A 9 11.81 7.91 -1.17
C MET A 9 10.31 7.79 -0.93
N ALA A 10 9.93 7.12 0.15
CA ALA A 10 8.50 6.90 0.40
C ALA A 10 7.80 8.22 0.66
N TYR A 11 8.46 9.13 1.36
CA TYR A 11 7.85 10.44 1.62
C TYR A 11 7.65 11.21 0.33
N ILE A 12 8.67 11.23 -0.52
CA ILE A 12 8.55 11.94 -1.80
C ILE A 12 7.46 11.31 -2.68
N LEU A 13 7.46 9.97 -2.79
CA LEU A 13 6.61 9.33 -3.81
C LEU A 13 5.17 9.22 -3.36
N ARG A 14 4.94 9.17 -2.06
CA ARG A 14 3.61 9.01 -1.51
C ARG A 14 2.97 10.31 -1.02
N HIS A 15 3.77 11.25 -0.53
CA HIS A 15 3.20 12.33 0.27
C HIS A 15 3.56 13.74 -0.20
N SER A 16 4.80 13.96 -0.69
CA SER A 16 5.11 15.37 -0.94
C SER A 16 6.06 15.50 -2.13
N PRO A 17 5.66 15.04 -3.33
CA PRO A 17 6.58 15.19 -4.50
C PRO A 17 6.79 16.64 -4.93
N TRP A 18 5.76 17.47 -4.84
CA TRP A 18 5.83 18.84 -5.33
C TRP A 18 6.82 19.66 -4.53
N GLU A 19 6.98 19.32 -3.25
CA GLU A 19 7.98 19.94 -2.39
C GLU A 19 9.39 19.81 -2.97
N PHE A 20 9.67 18.70 -3.65
CA PHE A 20 10.93 18.41 -4.32
C PHE A 20 10.92 18.77 -5.80
N GLY A 21 9.88 19.45 -6.26
CA GLY A 21 9.74 19.84 -7.65
C GLY A 21 9.37 18.72 -8.61
N LEU A 22 8.85 17.61 -8.11
CA LEU A 22 8.42 16.49 -8.95
C LEU A 22 6.94 16.60 -9.18
N GLU A 23 6.50 16.31 -10.40
CA GLU A 23 5.06 16.19 -10.64
C GLU A 23 4.66 14.78 -11.02
N PRO A 24 4.05 14.02 -10.13
CA PRO A 24 3.66 12.64 -10.46
C PRO A 24 2.57 12.61 -11.53
N ASP A 25 2.61 11.57 -12.37
CA ASP A 25 1.53 11.42 -13.33
C ASP A 25 0.31 10.83 -12.61
N GLU A 26 -0.76 10.56 -13.36
CA GLU A 26 -2.03 10.15 -12.75
C GLU A 26 -1.91 8.83 -12.00
N GLU A 27 -0.89 8.03 -12.33
CA GLU A 27 -0.64 6.77 -11.67
C GLU A 27 0.43 6.86 -10.60
N GLY A 28 0.90 8.07 -10.28
CA GLY A 28 1.89 8.24 -9.22
C GLY A 28 3.33 8.10 -9.67
N PHE A 29 3.58 7.95 -10.97
CA PHE A 29 4.95 7.78 -11.44
C PHE A 29 5.66 9.12 -11.60
N VAL A 30 6.95 9.12 -11.26
CA VAL A 30 7.85 10.24 -11.56
C VAL A 30 9.08 9.68 -12.28
N SER A 31 9.82 10.58 -12.92
CA SER A 31 11.09 10.20 -13.54
C SER A 31 12.04 9.71 -12.46
N ILE A 32 12.65 8.53 -12.68
CA ILE A 32 13.59 8.05 -11.67
C ILE A 32 14.85 8.93 -11.65
N GLU A 33 15.24 9.48 -12.80
CA GLU A 33 16.36 10.44 -12.84
C GLU A 33 16.04 11.68 -12.02
N GLU A 34 14.79 12.17 -12.08
CA GLU A 34 14.48 13.34 -11.28
C GLU A 34 14.36 12.98 -9.79
N LEU A 35 13.95 11.74 -9.49
CA LEU A 35 13.90 11.34 -8.08
C LEU A 35 15.32 11.27 -7.50
N VAL A 36 16.29 10.81 -8.30
CA VAL A 36 17.69 10.82 -7.85
C VAL A 36 18.12 12.24 -7.54
N ASN A 37 17.81 13.16 -8.45
CA ASN A 37 18.18 14.56 -8.23
C ASN A 37 17.55 15.09 -6.96
N ALA A 38 16.27 14.77 -6.72
CA ALA A 38 15.57 15.23 -5.52
C ALA A 38 16.20 14.63 -4.27
N VAL A 39 16.41 13.32 -4.26
CA VAL A 39 16.97 12.66 -3.08
C VAL A 39 18.37 13.17 -2.76
N ARG A 40 19.15 13.50 -3.80
CA ARG A 40 20.51 13.99 -3.55
C ARG A 40 20.53 15.38 -2.93
N LYS A 41 19.38 16.06 -2.83
CA LYS A 41 19.30 17.30 -2.07
C LYS A 41 19.46 17.06 -0.57
N VAL A 42 19.22 15.84 -0.12
CA VAL A 42 19.40 15.42 1.26
C VAL A 42 20.64 14.54 1.41
N TYR A 43 20.77 13.57 0.52
CA TYR A 43 21.77 12.50 0.59
C TYR A 43 22.55 12.54 -0.73
N PRO A 44 23.57 13.40 -0.83
CA PRO A 44 24.24 13.61 -2.14
C PRO A 44 24.97 12.39 -2.70
N TRP A 45 25.23 11.36 -1.90
CA TRP A 45 25.99 10.21 -2.36
C TRP A 45 25.10 9.19 -3.05
N VAL A 46 23.79 9.43 -3.08
CA VAL A 46 22.83 8.51 -3.67
C VAL A 46 23.00 8.50 -5.19
N THR A 47 22.81 7.33 -5.80
CA THR A 47 22.96 7.13 -7.24
C THR A 47 21.67 6.49 -7.76
N GLU A 48 21.48 6.52 -9.09
CA GLU A 48 20.34 5.83 -9.65
C GLU A 48 20.44 4.32 -9.39
N GLU A 49 21.64 3.76 -9.49
CA GLU A 49 21.84 2.34 -9.18
C GLU A 49 21.39 2.03 -7.75
N TYR A 50 21.71 2.91 -6.81
CA TYR A 50 21.31 2.71 -5.42
C TYR A 50 19.80 2.67 -5.30
N ILE A 51 19.12 3.61 -5.95
CA ILE A 51 17.66 3.66 -5.85
C ILE A 51 17.09 2.38 -6.45
N ARG A 52 17.64 1.95 -7.59
CA ARG A 52 17.15 0.71 -8.21
C ARG A 52 17.38 -0.49 -7.29
N GLU A 53 18.52 -0.52 -6.61
CA GLU A 53 18.78 -1.58 -5.61
C GLU A 53 17.76 -1.52 -4.47
N ILE A 54 17.41 -0.32 -4.03
CA ILE A 54 16.43 -0.23 -2.94
C ILE A 54 15.10 -0.81 -3.40
N VAL A 55 14.70 -0.50 -4.63
CA VAL A 55 13.46 -1.06 -5.17
C VAL A 55 13.53 -2.58 -5.19
N GLU A 56 14.65 -3.14 -5.70
CA GLU A 56 14.76 -4.58 -5.85
C GLU A 56 14.76 -5.29 -4.50
N ARG A 57 15.30 -4.64 -3.47
CA ARG A 57 15.50 -5.31 -2.19
C ARG A 57 14.38 -5.03 -1.21
N ASP A 58 13.45 -4.16 -1.54
CA ASP A 58 12.46 -3.73 -0.55
C ASP A 58 11.60 -4.92 -0.16
N GLU A 59 11.53 -5.18 1.16
CA GLU A 59 10.92 -6.41 1.64
C GLU A 59 9.40 -6.41 1.47
N LYS A 60 8.80 -5.26 1.24
CA LYS A 60 7.35 -5.18 1.06
C LYS A 60 6.95 -5.04 -0.41
N GLY A 61 7.90 -4.84 -1.32
CA GLY A 61 7.51 -4.47 -2.67
C GLY A 61 6.92 -3.08 -2.75
N ARG A 62 7.42 -2.17 -1.91
CA ARG A 62 6.82 -0.83 -1.85
C ARG A 62 6.85 -0.11 -3.18
N TYR A 63 7.89 -0.34 -3.99
CA TYR A 63 8.20 0.52 -5.12
C TYR A 63 8.10 -0.26 -6.42
N GLU A 64 7.80 0.47 -7.51
CA GLU A 64 7.73 -0.15 -8.83
C GLU A 64 8.46 0.74 -9.82
N ILE A 65 9.29 0.14 -10.68
CA ILE A 65 9.97 0.87 -11.75
C ILE A 65 9.51 0.31 -13.08
N ARG A 66 9.06 1.18 -13.98
CA ARG A 66 8.75 0.79 -15.36
C ARG A 66 9.57 1.73 -16.23
N GLY A 67 10.54 1.18 -16.95
CA GLY A 67 11.40 2.01 -17.78
C GLY A 67 12.09 3.05 -16.93
N ASN A 68 11.84 4.31 -17.25
CA ASN A 68 12.42 5.46 -16.55
C ASN A 68 11.53 5.99 -15.44
N LYS A 69 10.41 5.33 -15.15
CA LYS A 69 9.41 5.85 -14.24
C LYS A 69 9.41 5.03 -12.95
N ILE A 70 9.27 5.70 -11.81
CA ILE A 70 9.25 5.00 -10.54
C ILE A 70 8.05 5.50 -9.73
N ARG A 71 7.42 4.60 -8.98
CA ARG A 71 6.36 5.03 -8.09
C ARG A 71 6.36 4.18 -6.82
N ALA A 72 5.69 4.69 -5.80
CA ALA A 72 5.19 3.84 -4.73
C ALA A 72 3.94 3.12 -5.26
N ARG A 73 3.80 1.83 -4.92
N ARG A 73 3.81 1.83 -4.91
CA ARG A 73 2.67 1.05 -5.39
CA ARG A 73 2.70 1.02 -5.36
C ARG A 73 1.41 1.22 -4.56
C ARG A 73 1.41 1.26 -4.57
N TYR A 74 1.53 1.80 -3.36
CA TYR A 74 0.39 1.98 -2.47
C TYR A 74 0.79 3.00 -1.42
N GLY A 75 -0.21 3.44 -0.65
CA GLY A 75 0.02 4.29 0.52
C GLY A 75 0.07 5.80 0.27
N HIS A 76 -0.17 6.27 -0.95
CA HIS A 76 -0.21 7.70 -1.23
C HIS A 76 -1.24 8.44 -0.41
N SER A 77 -0.90 9.68 -0.06
CA SER A 77 -1.83 10.56 0.61
C SER A 77 -2.43 11.59 -0.34
N TYR A 78 -2.16 11.48 -1.63
CA TYR A 78 -2.78 12.26 -2.69
C TYR A 78 -3.51 11.35 -3.67
N PRO A 79 -4.42 11.88 -4.50
CA PRO A 79 -5.19 11.01 -5.38
C PRO A 79 -4.32 10.34 -6.45
N VAL A 80 -4.50 9.03 -6.59
CA VAL A 80 -3.72 8.22 -7.52
C VAL A 80 -4.63 7.11 -8.05
N ILE A 81 -4.43 6.75 -9.32
CA ILE A 81 -5.11 5.62 -9.96
C ILE A 81 -4.12 4.46 -9.99
N LEU A 82 -4.50 3.33 -9.37
CA LEU A 82 -3.54 2.22 -9.23
C LEU A 82 -4.08 1.02 -9.99
N ARG A 83 -3.45 0.72 -11.13
CA ARG A 83 -3.97 -0.33 -12.00
C ARG A 83 -3.10 -1.58 -11.96
N HIS A 84 -2.97 -2.19 -10.80
CA HIS A 84 -2.10 -3.32 -10.55
C HIS A 84 -2.72 -4.63 -11.05
N GLU A 85 -1.86 -5.61 -11.25
CA GLU A 85 -2.26 -6.96 -11.60
C GLU A 85 -3.27 -7.51 -10.62
N GLU A 86 -4.21 -8.31 -11.12
CA GLU A 86 -5.22 -8.89 -10.25
C GLU A 86 -4.66 -10.07 -9.46
N ASP A 87 -5.04 -10.14 -8.18
CA ASP A 87 -4.80 -11.29 -7.33
C ASP A 87 -6.00 -12.22 -7.51
N LYS A 88 -5.79 -13.31 -8.24
CA LYS A 88 -6.81 -14.32 -8.42
C LYS A 88 -6.53 -15.55 -7.58
N GLU A 89 -5.40 -15.60 -6.86
CA GLU A 89 -5.01 -16.81 -6.17
C GLU A 89 -5.43 -16.83 -4.70
N SER A 90 -5.37 -15.70 -4.00
CA SER A 90 -5.65 -15.69 -2.57
C SER A 90 -7.09 -16.11 -2.24
N LYS A 91 -7.22 -17.02 -1.29
CA LYS A 91 -8.54 -17.35 -0.78
C LYS A 91 -8.87 -16.65 0.54
N VAL A 92 -7.87 -16.28 1.33
CA VAL A 92 -8.06 -15.58 2.60
C VAL A 92 -7.10 -14.41 2.66
N LEU A 93 -7.58 -13.26 3.10
CA LEU A 93 -6.74 -12.10 3.30
C LEU A 93 -7.03 -11.56 4.68
N TYR A 94 -6.24 -10.57 5.11
CA TYR A 94 -6.36 -10.05 6.47
C TYR A 94 -6.44 -8.54 6.48
N HIS A 95 -7.17 -7.99 7.45
CA HIS A 95 -7.24 -6.54 7.61
C HIS A 95 -6.97 -6.20 9.07
N GLY A 96 -5.86 -5.53 9.36
CA GLY A 96 -5.56 -5.10 10.71
C GLY A 96 -6.18 -3.76 11.01
N THR A 97 -6.87 -3.66 12.15
CA THR A 97 -7.50 -2.39 12.51
C THR A 97 -7.58 -2.34 14.03
N VAL A 98 -8.41 -1.46 14.56
CA VAL A 98 -8.56 -1.34 16.01
C VAL A 98 -10.02 -1.64 16.39
N ARG A 99 -10.17 -2.10 17.63
CA ARG A 99 -11.46 -2.55 18.16
C ARG A 99 -12.55 -1.49 18.05
N ARG A 100 -12.19 -0.22 18.22
CA ARG A 100 -13.17 0.87 18.16
C ARG A 100 -13.87 0.97 16.81
N ASN A 101 -13.30 0.39 15.76
CA ASN A 101 -13.91 0.41 14.43
C ASN A 101 -14.86 -0.77 14.18
N LEU A 102 -14.91 -1.75 15.10
CA LEU A 102 -15.72 -2.94 14.85
C LEU A 102 -17.21 -2.62 14.69
N LYS A 103 -17.75 -1.72 15.51
CA LYS A 103 -19.18 -1.40 15.39
C LYS A 103 -19.51 -0.89 14.00
N GLY A 104 -18.72 0.08 13.51
CA GLY A 104 -18.95 0.60 12.18
C GLY A 104 -18.69 -0.43 11.10
N ILE A 105 -17.63 -1.23 11.28
CA ILE A 105 -17.32 -2.20 10.25
C ILE A 105 -18.37 -3.30 10.22
N MET A 106 -18.93 -3.64 11.38
CA MET A 106 -19.86 -4.75 11.44
C MET A 106 -21.20 -4.38 10.80
N ARG A 107 -21.49 -3.08 10.67
CA ARG A 107 -22.70 -2.55 10.05
C ARG A 107 -22.51 -2.15 8.60
N GLU A 108 -21.34 -1.63 8.25
CA GLU A 108 -21.08 -0.97 6.97
C GLU A 108 -20.08 -1.72 6.09
N GLY A 109 -19.37 -2.71 6.64
CA GLY A 109 -18.26 -3.32 5.92
C GLY A 109 -17.02 -2.46 6.08
N ILE A 110 -15.92 -2.92 5.48
CA ILE A 110 -14.68 -2.16 5.49
C ILE A 110 -14.72 -1.20 4.32
N LYS A 111 -14.77 0.12 4.62
CA LYS A 111 -15.04 1.18 3.66
C LYS A 111 -13.79 2.01 3.44
N PRO A 112 -13.62 2.57 2.24
CA PRO A 112 -12.58 3.58 2.05
C PRO A 112 -12.91 4.77 2.93
N MET A 113 -11.88 5.33 3.57
CA MET A 113 -12.09 6.33 4.60
C MET A 113 -11.53 7.68 4.18
N LYS A 114 -10.24 7.73 3.87
CA LYS A 114 -9.71 8.90 3.18
C LYS A 114 -9.14 8.50 1.83
N ARG A 115 -8.32 7.45 1.82
CA ARG A 115 -7.88 6.91 0.55
C ARG A 115 -9.04 6.17 -0.10
N GLN A 116 -8.95 6.01 -1.41
CA GLN A 116 -10.05 5.45 -2.18
C GLN A 116 -10.02 3.93 -2.25
N TYR A 117 -9.07 3.29 -1.57
CA TYR A 117 -8.85 1.84 -1.59
C TYR A 117 -8.82 1.31 -0.17
N VAL A 118 -9.43 0.11 0.08
CA VAL A 118 -9.26 -0.62 1.34
C VAL A 118 -7.97 -1.42 1.26
N HIS A 119 -7.18 -1.41 2.35
CA HIS A 119 -5.90 -2.12 2.38
C HIS A 119 -6.05 -3.45 3.12
N LEU A 120 -5.61 -4.51 2.47
CA LEU A 120 -5.62 -5.87 3.01
C LEU A 120 -4.20 -6.41 2.92
N SER A 121 -3.94 -7.54 3.59
CA SER A 121 -2.62 -8.16 3.47
C SER A 121 -2.79 -9.65 3.27
N ILE A 122 -1.82 -10.28 2.58
CA ILE A 122 -1.87 -11.74 2.48
C ILE A 122 -1.37 -12.39 3.74
N ASN A 123 -0.81 -11.61 4.67
CA ASN A 123 -0.07 -12.14 5.81
C ASN A 123 -0.70 -11.66 7.12
N TYR A 124 -1.01 -12.60 8.02
CA TYR A 124 -1.66 -12.28 9.29
C TYR A 124 -0.74 -11.41 10.17
N GLU A 125 0.54 -11.79 10.28
CA GLU A 125 1.48 -11.00 11.08
C GLU A 125 1.60 -9.56 10.56
N ASP A 126 1.64 -9.41 9.22
CA ASP A 126 1.70 -8.10 8.59
C ASP A 126 0.47 -7.27 8.94
N ALA A 127 -0.73 -7.86 8.83
CA ALA A 127 -1.95 -7.14 9.18
C ALA A 127 -1.95 -6.70 10.65
N TYR A 128 -1.51 -7.58 11.54
CA TYR A 128 -1.42 -7.27 12.96
C TYR A 128 -0.50 -6.08 13.19
N ASN A 129 0.66 -6.10 12.52
CA ASN A 129 1.62 -5.03 12.71
C ASN A 129 1.06 -3.72 12.15
N THR A 130 0.31 -3.80 11.03
CA THR A 130 -0.27 -2.61 10.44
C THR A 130 -1.38 -2.02 11.31
N GLY A 131 -2.24 -2.88 11.88
CA GLY A 131 -3.26 -2.41 12.83
C GLY A 131 -2.68 -1.71 14.04
N MET A 132 -1.50 -2.14 14.50
CA MET A 132 -0.84 -1.55 15.65
C MET A 132 -0.50 -0.08 15.40
N ARG A 133 -0.49 0.35 14.14
CA ARG A 133 -0.21 1.75 13.84
C ARG A 133 -1.31 2.66 14.32
N HIS A 134 -2.52 2.14 14.53
CA HIS A 134 -3.65 2.93 14.98
C HIS A 134 -3.95 2.76 16.45
N GLY A 135 -3.13 2.01 17.17
CA GLY A 135 -3.33 1.93 18.60
C GLY A 135 -3.11 0.55 19.14
N GLU A 136 -3.36 0.37 20.44
CA GLU A 136 -3.06 -0.90 21.06
C GLU A 136 -4.25 -1.86 21.06
N ASP A 137 -5.46 -1.39 20.74
CA ASP A 137 -6.63 -2.29 20.75
C ASP A 137 -6.73 -2.99 19.41
N VAL A 138 -5.66 -3.65 18.95
CA VAL A 138 -5.62 -4.17 17.59
C VAL A 138 -6.48 -5.41 17.47
N VAL A 139 -7.23 -5.49 16.38
CA VAL A 139 -7.91 -6.69 15.92
C VAL A 139 -7.54 -6.92 14.45
N VAL A 140 -7.54 -8.19 14.05
CA VAL A 140 -7.28 -8.54 12.66
C VAL A 140 -8.52 -9.24 12.14
N LEU A 141 -9.09 -8.72 11.06
CA LEU A 141 -10.26 -9.34 10.44
C LEU A 141 -9.79 -10.34 9.40
N ILE A 142 -10.35 -11.56 9.46
CA ILE A 142 -10.11 -12.55 8.41
C ILE A 142 -11.12 -12.32 7.31
N ILE A 143 -10.67 -12.25 6.07
CA ILE A 143 -11.51 -11.90 4.94
C ILE A 143 -11.56 -13.08 3.98
N ASP A 144 -12.76 -13.49 3.59
CA ASP A 144 -12.95 -14.55 2.62
C ASP A 144 -12.83 -13.89 1.25
N ALA A 145 -11.63 -13.99 0.64
CA ALA A 145 -11.37 -13.32 -0.63
C ALA A 145 -12.13 -13.96 -1.79
N GLU A 146 -12.32 -15.28 -1.74
CA GLU A 146 -13.13 -15.91 -2.77
C GLU A 146 -14.54 -15.36 -2.74
N CYS A 147 -15.08 -15.14 -1.54
CA CYS A 147 -16.39 -14.52 -1.39
C CYS A 147 -16.39 -13.10 -1.96
N LEU A 148 -15.34 -12.34 -1.66
CA LEU A 148 -15.19 -11.00 -2.19
C LEU A 148 -15.22 -11.01 -3.71
N ARG A 149 -14.43 -11.90 -4.33
CA ARG A 149 -14.43 -12.00 -5.78
C ARG A 149 -15.79 -12.42 -6.32
N ASN A 150 -16.42 -13.40 -5.67
CA ASN A 150 -17.72 -13.86 -6.16
C ASN A 150 -18.75 -12.74 -6.13
N LYS A 151 -18.59 -11.78 -5.21
CA LYS A 151 -19.45 -10.61 -5.19
C LYS A 151 -19.05 -9.58 -6.24
N GLY A 152 -18.00 -9.84 -7.01
CA GLY A 152 -17.59 -8.95 -8.09
C GLY A 152 -16.60 -7.88 -7.70
N TYR A 153 -15.89 -8.05 -6.61
CA TYR A 153 -14.83 -7.13 -6.19
C TYR A 153 -13.50 -7.63 -6.71
N LYS A 154 -12.76 -6.75 -7.38
CA LYS A 154 -11.44 -7.11 -7.90
C LYS A 154 -10.39 -6.77 -6.85
N ILE A 155 -9.54 -7.74 -6.51
CA ILE A 155 -8.48 -7.58 -5.52
C ILE A 155 -7.16 -7.43 -6.28
N LEU A 156 -6.43 -6.33 -6.04
CA LEU A 156 -5.24 -6.06 -6.84
C LEU A 156 -3.99 -6.26 -5.99
N LYS A 157 -2.92 -6.75 -6.65
CA LYS A 157 -1.64 -6.97 -5.97
C LYS A 157 -0.89 -5.64 -5.93
N ALA A 158 -0.93 -4.98 -4.78
CA ALA A 158 -0.22 -3.71 -4.67
C ALA A 158 1.18 -3.85 -4.11
N GLY A 159 1.48 -4.87 -3.32
CA GLY A 159 2.86 -5.13 -2.96
C GLY A 159 3.18 -6.61 -2.92
N LYS A 160 4.33 -6.99 -2.35
CA LYS A 160 4.58 -8.40 -2.08
C LYS A 160 3.48 -8.96 -1.16
N LYS A 161 3.01 -8.17 -0.19
CA LYS A 161 1.96 -8.64 0.72
C LYS A 161 0.69 -7.81 0.67
N VAL A 162 0.77 -6.50 0.39
CA VAL A 162 -0.43 -5.67 0.37
C VAL A 162 -1.33 -5.98 -0.83
N ARG A 163 -2.65 -5.96 -0.57
CA ARG A 163 -3.70 -6.15 -1.55
C ARG A 163 -4.69 -5.01 -1.38
N ILE A 164 -5.23 -4.51 -2.49
CA ILE A 164 -6.18 -3.40 -2.37
C ILE A 164 -7.51 -3.80 -3.01
N VAL A 165 -8.60 -3.25 -2.47
CA VAL A 165 -9.94 -3.57 -2.95
C VAL A 165 -10.84 -2.38 -2.66
N LYS A 166 -11.95 -2.23 -3.41
CA LYS A 166 -12.77 -1.03 -3.26
C LYS A 166 -13.50 -1.02 -1.91
N HIS A 167 -13.84 -2.19 -1.38
CA HIS A 167 -14.75 -2.30 -0.24
C HIS A 167 -14.79 -3.76 0.17
N VAL A 168 -14.96 -4.04 1.47
CA VAL A 168 -15.18 -5.41 1.93
C VAL A 168 -16.55 -5.48 2.60
N PRO A 169 -17.56 -6.07 1.93
CA PRO A 169 -18.87 -6.23 2.59
C PRO A 169 -18.77 -7.07 3.86
N VAL A 170 -19.67 -6.81 4.80
CA VAL A 170 -19.67 -7.49 6.10
C VAL A 170 -19.67 -9.01 5.95
N ASP A 171 -20.45 -9.53 4.99
CA ASP A 171 -20.57 -10.99 4.91
C ASP A 171 -19.31 -11.65 4.35
N CYS A 172 -18.29 -10.88 3.94
CA CYS A 172 -17.00 -11.45 3.59
C CYS A 172 -16.03 -11.53 4.77
N ILE A 173 -16.39 -11.01 5.93
CA ILE A 173 -15.54 -11.09 7.12
C ILE A 173 -15.87 -12.39 7.83
N SER A 174 -14.91 -13.31 7.85
CA SER A 174 -15.19 -14.62 8.43
CA SER A 174 -15.18 -14.63 8.42
C SER A 174 -14.83 -14.72 9.90
N GLY A 175 -13.97 -13.85 10.40
CA GLY A 175 -13.59 -13.98 11.78
C GLY A 175 -12.81 -12.78 12.26
N ILE A 176 -12.67 -12.69 13.57
CA ILE A 176 -11.94 -11.60 14.23
C ILE A 176 -10.87 -12.24 15.09
N LEU A 177 -9.62 -11.81 14.91
CA LEU A 177 -8.47 -12.32 15.69
C LEU A 177 -7.84 -11.25 16.60
P AMP B . -6.12 3.33 5.62
O1P AMP B . -6.80 2.42 4.63
O2P AMP B . -4.70 3.03 6.05
O3P AMP B . -6.30 4.81 5.27
O5' AMP B . -6.96 3.15 6.97
C5' AMP B . -8.37 3.28 6.97
C4' AMP B . -8.94 2.92 8.34
O4' AMP B . -10.40 2.99 8.32
C3' AMP B . -8.59 1.49 8.82
O3' AMP B . -8.20 1.52 10.20
C2' AMP B . -9.91 0.74 8.65
O2' AMP B . -10.05 -0.41 9.48
C1' AMP B . -10.92 1.86 8.98
N9 AMP B . -12.29 1.60 8.54
C8 AMP B . -12.69 1.06 7.35
N7 AMP B . -13.99 0.93 7.24
C5 AMP B . -14.49 1.40 8.44
C6 AMP B . -15.81 1.50 8.93
N6 AMP B . -16.90 1.14 8.25
N1 AMP B . -15.96 2.01 10.18
C2 AMP B . -14.87 2.38 10.86
N3 AMP B . -13.58 2.31 10.50
C4 AMP B . -13.45 1.80 9.26
P AMP C . 4.47 0.86 4.66
O1P AMP C . 3.53 -0.26 4.30
O2P AMP C . 5.46 0.59 5.77
O3P AMP C . 5.20 1.33 3.42
O5' AMP C . 3.48 2.07 5.03
C5' AMP C . 2.27 2.26 4.30
C4' AMP C . 1.62 3.61 4.58
O4' AMP C . 1.21 3.72 5.97
C3' AMP C . 2.47 4.84 4.32
O3' AMP C . 2.45 5.24 2.96
C2' AMP C . 1.87 5.87 5.26
O2' AMP C . 0.64 6.31 4.69
C1' AMP C . 1.55 4.99 6.47
N9 AMP C . 2.67 4.77 7.41
C8 AMP C . 3.99 4.49 7.11
N7 AMP C . 4.72 4.28 8.18
C5 AMP C . 3.84 4.40 9.24
C6 AMP C . 4.01 4.29 10.63
N6 AMP C . 5.18 4.02 11.23
N1 AMP C . 2.92 4.49 11.42
C2 AMP C . 1.75 4.76 10.83
N3 AMP C . 1.48 4.89 9.53
C4 AMP C . 2.57 4.70 8.78
K K D . 4.21 7.27 -6.18
K K E . -8.00 0.12 4.71
K K F . 9.91 -2.39 -4.26
K K G . -22.26 -4.80 16.09
CL CL H . -1.76 2.68 -12.13
CL CL I . -0.64 0.98 -15.67
CL CL J . -3.91 -4.72 7.09
CL CL K . 9.80 -2.82 -10.23
CL CL L . 4.41 18.35 -1.86
CL CL M . -3.02 2.76 -1.43
CL CL N . -1.02 2.10 7.90
NA NA O . -3.40 3.08 8.09
#